data_3FXU
#
_entry.id   3FXU
#
_cell.length_a   135.220
_cell.length_b   52.110
_cell.length_c   109.280
_cell.angle_alpha   90.000
_cell.angle_beta   111.510
_cell.angle_gamma   90.000
#
_symmetry.space_group_name_H-M   'C 1 2 1'
#
loop_
_entity.id
_entity.type
_entity.pdbx_description
1 polymer 'LysR type regulator of tsaMBCD'
2 non-polymer 'PARA-TOLUENE SULFONATE'
3 non-polymer IMIDAZOLE
4 non-polymer GLYCEROL
5 non-polymer 'CHLORIDE ION'
6 non-polymer 'FORMIC ACID'
7 water water
#
_entity_poly.entity_id   1
_entity_poly.type   'polypeptide(L)'
_entity_poly.pdbx_seq_one_letter_code
;MLKLQTLQALICIEEVGSLRAAAQLLHLSQPALSAAIQQLEDELKAPLLVRTKRGVSLTSFGQAFMKHARLIVTESRRAQ
EEIGQLRGRWEGHITFAASPAIALAALPLALASFAREFPDVTVNVRDGMYPAVSPQLRDGTLDFALTAAHKHDIDTDLEA
QPLYVSDVVIVGQRQHPMANATRLAELQECRWAFSSAPRGPGAIIRNAFARYGLPEPKLGLVCESFLALPGVVAHSDLLT
TMPRTLYERNAFKDQLCSIPLQDALPNPTIYVLRRHDLPVTPAAAGLIRWIQHHALQTGHHHHHH
;
_entity_poly.pdbx_strand_id   A,B
#
loop_
_chem_comp.id
_chem_comp.type
_chem_comp.name
_chem_comp.formula
CL non-polymer 'CHLORIDE ION' 'Cl -1'
FMT non-polymer 'FORMIC ACID' 'C H2 O2'
GOL non-polymer GLYCEROL 'C3 H8 O3'
IMD non-polymer IMIDAZOLE 'C3 H5 N2 1'
TSU non-polymer 'PARA-TOLUENE SULFONATE' 'C7 H8 O3 S'
#
# COMPACT_ATOMS: atom_id res chain seq x y z
N MET A 1 17.45 -23.07 16.35
CA MET A 1 18.09 -21.80 15.86
C MET A 1 17.18 -21.17 14.81
N LEU A 2 17.12 -19.83 14.78
CA LEU A 2 16.38 -19.12 13.70
C LEU A 2 16.93 -19.52 12.34
N LYS A 3 16.04 -19.83 11.40
CA LYS A 3 16.43 -20.26 10.06
C LYS A 3 17.32 -19.23 9.38
N LEU A 4 17.02 -17.95 9.58
CA LEU A 4 17.80 -16.89 8.98
C LEU A 4 19.23 -16.86 9.51
N GLN A 5 19.40 -17.16 10.81
CA GLN A 5 20.74 -17.26 11.41
C GLN A 5 21.44 -18.43 10.75
N THR A 6 20.71 -19.52 10.55
CA THR A 6 21.29 -20.72 9.92
C THR A 6 21.71 -20.46 8.47
N LEU A 7 20.89 -19.74 7.72
CA LEU A 7 21.28 -19.36 6.36
C LEU A 7 22.48 -18.41 6.33
N GLN A 8 22.44 -17.38 7.17
CA GLN A 8 23.60 -16.46 7.32
C GLN A 8 24.88 -17.24 7.65
N ALA A 9 24.78 -18.17 8.61
CA ALA A 9 25.92 -19.04 8.96
C ALA A 9 26.41 -19.86 7.77
N LEU A 10 25.46 -20.41 7.01
CA LEU A 10 25.82 -21.20 5.83
C LEU A 10 26.63 -20.38 4.83
N ILE A 11 26.20 -19.14 4.56
CA ILE A 11 26.93 -18.21 3.66
C ILE A 11 28.37 -17.95 4.18
N CYS A 12 28.47 -17.74 5.49
CA CYS A 12 29.77 -17.54 6.17
C CYS A 12 30.65 -18.79 6.05
N ILE A 13 30.05 -19.97 6.26
CA ILE A 13 30.77 -21.25 6.15
C ILE A 13 31.41 -21.38 4.78
N GLU A 14 30.63 -21.11 3.73
CA GLU A 14 31.15 -21.14 2.38
C GLU A 14 32.36 -20.20 2.24
N GLU A 15 32.26 -19.05 2.89
CA GLU A 15 33.26 -18.00 2.81
C GLU A 15 34.51 -18.34 3.65
N VAL A 16 34.33 -18.78 4.89
CA VAL A 16 35.50 -18.98 5.77
C VAL A 16 35.99 -20.44 5.89
N GLY A 17 35.22 -21.37 5.31
CA GLY A 17 35.68 -22.75 5.12
C GLY A 17 35.50 -23.70 6.30
N SER A 18 34.76 -23.27 7.32
CA SER A 18 34.68 -24.03 8.58
C SER A 18 33.44 -23.65 9.34
N LEU A 19 32.73 -24.65 9.85
CA LEU A 19 31.53 -24.39 10.66
C LEU A 19 31.94 -23.74 11.98
N ARG A 20 32.98 -24.26 12.63
CA ARG A 20 33.51 -23.70 13.87
C ARG A 20 33.85 -22.22 13.74
N ALA A 21 34.60 -21.88 12.69
CA ALA A 21 34.96 -20.47 12.44
C ALA A 21 33.75 -19.56 12.18
N ALA A 22 32.77 -20.09 11.44
CA ALA A 22 31.53 -19.36 11.15
C ALA A 22 30.77 -19.03 12.43
N ALA A 23 30.55 -20.04 13.27
CA ALA A 23 29.88 -19.83 14.58
C ALA A 23 30.56 -18.77 15.44
N GLN A 24 31.88 -18.83 15.50
CA GLN A 24 32.65 -17.87 16.32
C GLN A 24 32.50 -16.47 15.74
N LEU A 25 32.69 -16.34 14.44
CA LEU A 25 32.54 -15.07 13.76
C LEU A 25 31.13 -14.46 13.98
N LEU A 26 30.10 -15.30 13.94
CA LEU A 26 28.73 -14.81 14.03
C LEU A 26 28.19 -14.74 15.45
N HIS A 27 29.03 -15.14 16.40
CA HIS A 27 28.67 -15.27 17.81
C HIS A 27 27.49 -16.21 18.04
N LEU A 28 27.52 -17.37 17.37
CA LEU A 28 26.55 -18.43 17.57
C LEU A 28 27.25 -19.57 18.27
N SER A 29 26.52 -20.33 19.07
CA SER A 29 27.03 -21.56 19.67
C SER A 29 27.35 -22.59 18.59
N GLN A 30 28.54 -23.19 18.69
CA GLN A 30 28.96 -24.23 17.76
C GLN A 30 28.03 -25.45 17.78
N PRO A 31 27.76 -26.03 18.98
CA PRO A 31 26.84 -27.17 19.01
C PRO A 31 25.44 -26.85 18.47
N ALA A 32 24.93 -25.66 18.79
CA ALA A 32 23.62 -25.22 18.28
C ALA A 32 23.61 -25.06 16.76
N LEU A 33 24.70 -24.52 16.19
CA LEU A 33 24.80 -24.39 14.73
C LEU A 33 24.89 -25.77 14.04
N SER A 34 25.73 -26.63 14.60
CA SER A 34 25.92 -27.96 14.07
C SER A 34 24.57 -28.71 14.08
N ALA A 35 23.80 -28.56 15.15
CA ALA A 35 22.45 -29.17 15.26
C ALA A 35 21.45 -28.59 14.27
N ALA A 36 21.47 -27.26 14.13
CA ALA A 36 20.58 -26.53 13.21
C ALA A 36 20.83 -26.92 11.76
N ILE A 37 22.12 -27.01 11.38
CA ILE A 37 22.47 -27.48 10.05
C ILE A 37 22.01 -28.93 9.83
N GLN A 38 22.25 -29.80 10.80
CA GLN A 38 21.78 -31.18 10.73
C GLN A 38 20.26 -31.27 10.57
N GLN A 39 19.54 -30.42 11.33
CA GLN A 39 18.09 -30.37 11.26
C GLN A 39 17.64 -29.95 9.86
N LEU A 40 18.27 -28.91 9.32
CA LEU A 40 17.98 -28.46 7.97
C LEU A 40 18.27 -29.56 6.95
N GLU A 41 19.38 -30.26 7.11
CA GLU A 41 19.73 -31.36 6.18
C GLU A 41 18.69 -32.49 6.23
N ASP A 42 18.25 -32.84 7.44
CA ASP A 42 17.18 -33.82 7.63
C ASP A 42 15.89 -33.40 6.91
N GLU A 43 15.55 -32.11 6.99
CA GLU A 43 14.38 -31.56 6.30
C GLU A 43 14.52 -31.57 4.78
N LEU A 44 15.69 -31.18 4.28
CA LEU A 44 15.98 -31.19 2.84
C LEU A 44 16.22 -32.60 2.30
N LYS A 45 16.47 -33.54 3.19
CA LYS A 45 16.84 -34.91 2.82
C LYS A 45 18.11 -34.97 1.93
N ALA A 46 19.06 -34.09 2.24
CA ALA A 46 20.39 -34.11 1.62
C ALA A 46 21.39 -33.38 2.49
N PRO A 47 22.65 -33.80 2.44
CA PRO A 47 23.66 -33.02 3.15
C PRO A 47 24.08 -31.79 2.37
N LEU A 48 24.33 -30.73 3.11
CA LEU A 48 24.75 -29.45 2.56
C LEU A 48 26.26 -29.34 2.62
N LEU A 49 26.88 -30.10 3.52
CA LEU A 49 28.30 -29.95 3.80
C LEU A 49 29.02 -31.29 3.72
N VAL A 50 30.27 -31.26 3.23
CA VAL A 50 31.16 -32.42 3.30
C VAL A 50 32.45 -32.02 4.01
N ARG A 51 32.93 -32.87 4.92
CA ARG A 51 34.19 -32.59 5.60
C ARG A 51 35.38 -32.75 4.68
N THR A 52 36.33 -31.83 4.80
CA THR A 52 37.63 -31.96 4.17
C THR A 52 38.69 -31.91 5.28
N LYS A 53 39.96 -32.03 4.91
CA LYS A 53 41.02 -32.09 5.92
C LYS A 53 40.99 -30.87 6.86
N ARG A 54 40.77 -29.69 6.29
CA ARG A 54 40.84 -28.44 7.06
C ARG A 54 39.53 -27.68 7.22
N GLY A 55 38.41 -28.30 6.87
CA GLY A 55 37.12 -27.65 7.05
C GLY A 55 35.98 -28.39 6.40
N VAL A 56 34.98 -27.63 5.97
CA VAL A 56 33.88 -28.18 5.22
C VAL A 56 33.78 -27.45 3.90
N SER A 57 33.30 -28.15 2.88
CA SER A 57 32.91 -27.53 1.65
C SER A 57 31.43 -27.78 1.48
N LEU A 58 30.79 -26.95 0.69
CA LEU A 58 29.44 -27.23 0.23
C LEU A 58 29.46 -28.47 -0.63
N THR A 59 28.45 -29.32 -0.47
CA THR A 59 28.22 -30.42 -1.40
C THR A 59 27.61 -29.86 -2.67
N SER A 60 27.39 -30.73 -3.66
CA SER A 60 26.66 -30.34 -4.86
C SER A 60 25.29 -29.79 -4.45
N PHE A 61 24.62 -30.48 -3.53
CA PHE A 61 23.33 -30.01 -3.02
C PHE A 61 23.45 -28.64 -2.33
N GLY A 62 24.48 -28.47 -1.49
CA GLY A 62 24.67 -27.20 -0.79
C GLY A 62 24.93 -26.05 -1.75
N GLN A 63 25.62 -26.34 -2.85
CA GLN A 63 25.88 -25.38 -3.91
C GLN A 63 24.58 -24.85 -4.49
N ALA A 64 23.66 -25.75 -4.78
CA ALA A 64 22.40 -25.40 -5.40
C ALA A 64 21.58 -24.63 -4.38
N PHE A 65 21.55 -25.16 -3.15
CA PHE A 65 20.83 -24.53 -2.06
C PHE A 65 21.31 -23.12 -1.74
N MET A 66 22.62 -22.91 -1.77
CA MET A 66 23.21 -21.62 -1.48
C MET A 66 22.70 -20.49 -2.37
N LYS A 67 22.45 -20.77 -3.65
CA LYS A 67 21.93 -19.76 -4.55
C LYS A 67 20.62 -19.18 -4.01
N HIS A 68 19.74 -20.04 -3.49
CA HIS A 68 18.48 -19.62 -2.87
C HIS A 68 18.75 -18.97 -1.52
N ALA A 69 19.64 -19.55 -0.71
CA ALA A 69 19.94 -18.99 0.61
C ALA A 69 20.36 -17.53 0.52
N ARG A 70 21.20 -17.20 -0.47
CA ARG A 70 21.70 -15.85 -0.62
C ARG A 70 20.56 -14.88 -0.98
N LEU A 71 19.68 -15.31 -1.89
CA LEU A 71 18.51 -14.52 -2.27
C LEU A 71 17.59 -14.27 -1.08
N ILE A 72 17.42 -15.30 -0.23
CA ILE A 72 16.55 -15.20 0.96
C ILE A 72 17.15 -14.26 2.02
N VAL A 73 18.46 -14.37 2.23
CA VAL A 73 19.15 -13.49 3.21
C VAL A 73 19.12 -12.02 2.76
N THR A 74 19.44 -11.79 1.49
CA THR A 74 19.35 -10.45 0.92
C THR A 74 17.94 -9.87 1.01
N GLU A 75 16.95 -10.70 0.65
CA GLU A 75 15.57 -10.24 0.68
C GLU A 75 15.14 -9.86 2.10
N SER A 76 15.52 -10.67 3.09
CA SER A 76 15.23 -10.33 4.49
C SER A 76 15.88 -8.98 4.89
N ARG A 77 17.11 -8.76 4.46
CA ARG A 77 17.84 -7.52 4.76
C ARG A 77 17.13 -6.33 4.08
N ARG A 78 16.79 -6.49 2.80
CA ARG A 78 16.08 -5.44 2.04
C ARG A 78 14.72 -5.10 2.65
N ALA A 79 14.01 -6.13 3.13
CA ALA A 79 12.71 -5.94 3.78
C ALA A 79 12.86 -5.10 5.02
N GLN A 80 13.85 -5.44 5.86
CA GLN A 80 14.14 -4.70 7.09
C GLN A 80 14.47 -3.24 6.73
N GLU A 81 15.28 -3.05 5.70
CA GLU A 81 15.65 -1.72 5.20
C GLU A 81 14.48 -0.89 4.69
N GLU A 82 13.60 -1.50 3.90
CA GLU A 82 12.44 -0.79 3.37
C GLU A 82 11.50 -0.38 4.52
N ILE A 83 11.21 -1.32 5.41
CA ILE A 83 10.37 -1.06 6.58
C ILE A 83 10.97 0.02 7.50
N GLY A 84 12.28 -0.06 7.73
CA GLY A 84 12.99 0.98 8.48
C GLY A 84 12.85 2.38 7.88
N GLN A 85 13.00 2.48 6.57
CA GLN A 85 12.80 3.74 5.85
C GLN A 85 11.35 4.24 6.01
N LEU A 86 10.39 3.34 5.85
CA LEU A 86 8.97 3.71 5.99
C LEU A 86 8.56 4.01 7.43
N ARG A 87 9.09 3.24 8.38
CA ARG A 87 8.77 3.48 9.80
C ARG A 87 9.44 4.75 10.33
N GLY A 88 10.69 4.98 9.91
CA GLY A 88 11.41 6.21 10.26
C GLY A 88 10.67 7.47 9.85
N ARG A 89 10.10 7.45 8.65
CA ARG A 89 9.34 8.59 8.13
C ARG A 89 7.99 8.76 8.82
N TRP A 90 7.37 7.65 9.20
CA TRP A 90 6.12 7.63 9.94
C TRP A 90 6.36 8.16 11.35
N GLU A 91 7.37 7.58 12.02
CA GLU A 91 7.66 7.90 13.42
C GLU A 91 8.32 9.27 13.59
N GLY A 92 8.92 9.79 12.52
CA GLY A 92 9.66 11.05 12.56
C GLY A 92 8.83 12.33 12.46
N HIS A 93 7.52 12.21 12.27
CA HIS A 93 6.66 13.41 12.14
C HIS A 93 5.33 13.26 12.85
N ILE A 94 4.83 14.36 13.38
CA ILE A 94 3.50 14.42 13.99
C ILE A 94 2.76 15.58 13.37
N THR A 95 1.51 15.33 12.99
CA THR A 95 0.62 16.41 12.61
C THR A 95 -0.64 16.31 13.43
N PHE A 96 -0.98 17.40 14.13
CA PHE A 96 -2.19 17.45 14.93
C PHE A 96 -2.77 18.85 14.94
N ALA A 97 -4.05 18.94 15.30
CA ALA A 97 -4.71 20.22 15.56
C ALA A 97 -4.85 20.48 17.06
N ALA A 98 -4.75 21.75 17.44
CA ALA A 98 -4.95 22.18 18.83
C ALA A 98 -5.84 23.41 18.96
N SER A 99 -6.76 23.35 19.93
CA SER A 99 -7.66 24.47 20.17
C SER A 99 -6.96 25.56 21.04
N PRO A 100 -7.56 26.75 21.12
CA PRO A 100 -6.90 27.91 21.75
C PRO A 100 -6.46 27.65 23.16
N ALA A 101 -7.29 27.01 23.94
CA ALA A 101 -6.98 26.72 25.34
C ALA A 101 -5.70 25.89 25.47
N ILE A 102 -5.60 24.84 24.63
CA ILE A 102 -4.44 23.95 24.64
C ILE A 102 -3.25 24.72 24.15
N ALA A 103 -3.44 25.36 23.00
CA ALA A 103 -2.42 26.16 22.31
C ALA A 103 -1.75 27.21 23.19
N LEU A 104 -2.46 27.69 24.21
CA LEU A 104 -1.98 28.86 24.96
C LEU A 104 -1.27 28.60 26.29
N ALA A 105 -1.43 27.40 26.83
CA ALA A 105 -0.89 27.11 28.13
C ALA A 105 -0.15 25.77 28.11
N ALA A 106 -0.90 24.69 27.90
CA ALA A 106 -0.32 23.35 27.95
C ALA A 106 0.64 23.10 26.79
N LEU A 107 0.21 23.40 25.56
CA LEU A 107 1.02 23.17 24.36
C LEU A 107 2.42 23.79 24.46
N PRO A 108 2.53 25.09 24.76
CA PRO A 108 3.87 25.65 24.94
C PRO A 108 4.73 24.84 25.92
N LEU A 109 4.21 24.51 27.09
CA LEU A 109 5.02 23.78 28.08
C LEU A 109 5.28 22.33 27.69
N ALA A 110 4.32 21.74 26.99
CA ALA A 110 4.40 20.34 26.57
C ALA A 110 5.44 20.10 25.48
N LEU A 111 5.58 21.05 24.57
CA LEU A 111 6.49 20.89 23.43
C LEU A 111 7.97 20.83 23.81
N ALA A 112 8.37 21.67 24.76
CA ALA A 112 9.74 21.66 25.27
C ALA A 112 10.10 20.32 25.90
N SER A 113 9.24 19.81 26.78
CA SER A 113 9.46 18.50 27.40
C SER A 113 9.42 17.37 26.38
N PHE A 114 8.47 17.45 25.45
CA PHE A 114 8.36 16.48 24.38
C PHE A 114 9.65 16.40 23.57
N ALA A 115 10.22 17.57 23.28
CA ALA A 115 11.41 17.68 22.42
C ALA A 115 12.65 17.08 23.08
N ARG A 116 12.74 17.18 24.40
CA ARG A 116 13.84 16.58 25.13
C ARG A 116 13.78 15.05 25.07
N GLU A 117 12.57 14.50 25.06
CA GLU A 117 12.38 13.06 25.02
C GLU A 117 12.46 12.51 23.59
N PHE A 118 11.86 13.23 22.64
CA PHE A 118 11.85 12.82 21.25
C PHE A 118 12.56 13.88 20.39
N PRO A 119 13.91 13.96 20.48
CA PRO A 119 14.65 15.01 19.78
C PRO A 119 14.57 14.90 18.27
N ASP A 120 14.36 13.70 17.76
CA ASP A 120 14.40 13.46 16.32
C ASP A 120 13.03 13.58 15.63
N VAL A 121 12.09 14.28 16.27
CA VAL A 121 10.71 14.32 15.78
C VAL A 121 10.25 15.73 15.40
N THR A 122 9.75 15.84 14.17
CA THR A 122 9.13 17.06 13.69
C THR A 122 7.65 17.12 14.08
N VAL A 123 7.24 18.26 14.59
CA VAL A 123 5.84 18.49 14.96
C VAL A 123 5.24 19.52 14.04
N ASN A 124 4.00 19.28 13.64
CA ASN A 124 3.28 20.18 12.77
C ASN A 124 1.98 20.48 13.47
N VAL A 125 1.94 21.63 14.13
CA VAL A 125 0.79 22.01 14.90
C VAL A 125 -0.09 22.95 14.10
N ARG A 126 -1.29 22.45 13.83
CA ARG A 126 -2.30 23.13 13.09
C ARG A 126 -3.22 23.85 14.09
N ASP A 127 -3.74 25.01 13.71
CA ASP A 127 -4.95 25.57 14.33
C ASP A 127 -6.13 24.66 14.04
N GLY A 128 -6.96 24.37 15.04
CA GLY A 128 -8.10 23.48 14.82
C GLY A 128 -9.10 23.31 15.95
N MET A 129 -10.38 23.23 15.55
CA MET A 129 -11.52 22.89 16.41
C MET A 129 -12.48 21.90 15.72
N TYR A 130 -13.18 21.11 16.52
CA TYR A 130 -14.22 20.21 16.02
C TYR A 130 -15.44 21.05 15.62
N PRO A 131 -16.16 20.65 14.54
CA PRO A 131 -15.97 19.47 13.71
C PRO A 131 -15.22 19.75 12.41
N ALA A 132 -14.57 20.91 12.31
CA ALA A 132 -13.75 21.23 11.15
C ALA A 132 -12.58 20.24 11.05
N VAL A 133 -12.06 19.84 12.20
CA VAL A 133 -10.97 18.87 12.27
C VAL A 133 -11.44 17.44 12.01
N SER A 134 -12.75 17.22 12.08
CA SER A 134 -13.32 15.89 11.90
C SER A 134 -12.86 15.20 10.60
N PRO A 135 -13.05 15.84 9.43
CA PRO A 135 -12.64 15.18 8.17
C PRO A 135 -11.12 15.07 7.95
N GLN A 136 -10.35 16.08 8.39
CA GLN A 136 -8.89 16.02 8.33
C GLN A 136 -8.37 14.84 9.15
N LEU A 137 -9.05 14.59 10.27
CA LEU A 137 -8.76 13.46 11.17
C LEU A 137 -9.15 12.15 10.50
N ARG A 138 -10.13 12.22 9.61
CA ARG A 138 -10.81 11.05 9.05
C ARG A 138 -10.05 10.39 7.88
N ASP A 139 -9.28 11.17 7.12
CA ASP A 139 -8.55 10.63 5.96
C ASP A 139 -7.11 10.18 6.27
N GLY A 140 -6.52 10.74 7.33
CA GLY A 140 -5.19 10.35 7.78
C GLY A 140 -4.18 11.48 7.92
N THR A 141 -4.55 12.67 7.47
CA THR A 141 -3.65 13.82 7.52
C THR A 141 -3.31 14.22 8.96
N LEU A 142 -4.35 14.39 9.79
CA LEU A 142 -4.15 14.64 11.21
C LEU A 142 -3.97 13.33 11.98
N ASP A 143 -2.94 13.26 12.82
CA ASP A 143 -2.71 12.09 13.68
C ASP A 143 -3.64 12.09 14.90
N PHE A 144 -3.92 13.28 15.40
CA PHE A 144 -4.90 13.48 16.46
C PHE A 144 -5.35 14.93 16.47
N ALA A 145 -6.47 15.19 17.15
CA ALA A 145 -6.90 16.57 17.37
C ALA A 145 -7.20 16.77 18.85
N LEU A 146 -6.93 17.99 19.32
CA LEU A 146 -7.18 18.40 20.71
C LEU A 146 -8.16 19.54 20.69
N THR A 147 -9.37 19.29 21.19
CA THR A 147 -10.47 20.25 21.09
C THR A 147 -11.58 19.97 22.10
N ALA A 148 -12.24 21.04 22.53
CA ALA A 148 -13.53 20.95 23.19
C ALA A 148 -14.46 20.23 22.24
N ALA A 149 -15.32 19.37 22.80
CA ALA A 149 -16.41 18.73 22.06
C ALA A 149 -17.47 18.21 23.04
N HIS A 150 -18.70 18.08 22.56
CA HIS A 150 -19.76 17.38 23.30
C HIS A 150 -19.63 15.91 22.95
N LYS A 151 -19.44 15.08 23.97
CA LYS A 151 -19.14 13.65 23.79
C LYS A 151 -20.03 12.98 22.75
N HIS A 152 -21.32 13.32 22.77
CA HIS A 152 -22.32 12.64 21.97
C HIS A 152 -22.41 13.15 20.52
N ASP A 153 -21.61 14.18 20.21
CA ASP A 153 -21.48 14.70 18.84
C ASP A 153 -20.36 14.00 18.05
N ILE A 154 -19.37 13.48 18.77
CA ILE A 154 -18.17 12.90 18.16
C ILE A 154 -18.48 11.67 17.30
N ASP A 155 -18.05 11.72 16.05
CA ASP A 155 -18.17 10.58 15.11
C ASP A 155 -17.79 9.24 15.74
N THR A 156 -18.69 8.27 15.62
CA THR A 156 -18.56 6.94 16.24
C THR A 156 -17.25 6.18 15.92
N ASP A 157 -16.62 6.51 14.79
CA ASP A 157 -15.36 5.86 14.39
C ASP A 157 -14.12 6.56 14.97
N LEU A 158 -14.35 7.60 15.75
CA LEU A 158 -13.27 8.34 16.42
C LEU A 158 -13.17 7.96 17.88
N GLU A 159 -11.95 7.71 18.36
CA GLU A 159 -11.72 7.57 19.81
C GLU A 159 -11.59 8.94 20.45
N ALA A 160 -12.06 9.06 21.70
CA ALA A 160 -12.07 10.32 22.45
C ALA A 160 -11.64 10.12 23.90
N GLN A 161 -10.52 10.70 24.31
CA GLN A 161 -10.12 10.66 25.72
C GLN A 161 -10.10 12.06 26.33
N PRO A 162 -10.82 12.25 27.45
CA PRO A 162 -10.90 13.54 28.16
C PRO A 162 -9.51 14.04 28.50
N LEU A 163 -9.23 15.28 28.15
CA LEU A 163 -7.92 15.87 28.37
C LEU A 163 -7.96 16.84 29.55
N TYR A 164 -8.93 17.75 29.54
CA TYR A 164 -9.13 18.71 30.63
C TYR A 164 -10.53 19.29 30.54
N VAL A 165 -11.09 19.64 31.69
CA VAL A 165 -12.40 20.27 31.74
C VAL A 165 -12.14 21.76 31.87
N SER A 166 -12.58 22.50 30.87
CA SER A 166 -12.24 23.89 30.76
C SER A 166 -13.23 24.89 31.41
N ASP A 167 -12.81 26.15 31.51
CA ASP A 167 -13.63 27.29 31.93
C ASP A 167 -13.88 28.23 30.74
N VAL A 168 -15.08 28.78 30.67
CA VAL A 168 -15.33 29.92 29.77
C VAL A 168 -15.74 31.13 30.60
N VAL A 169 -15.43 32.32 30.11
CA VAL A 169 -15.70 33.54 30.87
C VAL A 169 -16.33 34.59 29.98
N ILE A 170 -17.21 35.41 30.56
CA ILE A 170 -17.81 36.50 29.81
C ILE A 170 -16.88 37.69 29.94
N VAL A 171 -16.57 38.33 28.81
CA VAL A 171 -15.54 39.35 28.79
C VAL A 171 -16.09 40.58 28.09
N GLY A 172 -15.73 41.75 28.62
CA GLY A 172 -16.05 43.04 28.00
C GLY A 172 -14.93 44.02 28.20
N GLN A 173 -15.02 45.20 27.57
CA GLN A 173 -14.04 46.28 27.79
C GLN A 173 -14.00 46.64 29.29
N ARG A 174 -12.85 47.09 29.77
CA ARG A 174 -12.58 47.25 31.21
C ARG A 174 -13.60 48.14 31.94
N GLN A 175 -14.17 49.12 31.25
CA GLN A 175 -15.15 50.00 31.89
C GLN A 175 -16.57 49.75 31.42
N HIS A 176 -16.86 48.52 30.98
CA HIS A 176 -18.17 48.19 30.43
C HIS A 176 -19.29 48.53 31.42
N PRO A 177 -20.41 49.11 30.92
CA PRO A 177 -21.53 49.49 31.80
C PRO A 177 -22.13 48.33 32.61
N MET A 178 -22.01 47.10 32.13
CA MET A 178 -22.55 45.93 32.82
C MET A 178 -21.50 45.09 33.57
N ALA A 179 -20.34 45.68 33.83
CA ALA A 179 -19.23 44.95 34.47
C ALA A 179 -19.55 44.35 35.84
N ASN A 180 -20.44 45.02 36.58
CA ASN A 180 -20.86 44.58 37.92
C ASN A 180 -22.02 43.58 37.92
N ALA A 181 -22.46 43.14 36.74
CA ALA A 181 -23.61 42.24 36.66
C ALA A 181 -23.33 40.93 37.38
N THR A 182 -24.36 40.36 38.02
CA THR A 182 -24.25 39.05 38.67
C THR A 182 -25.19 38.00 38.10
N ARG A 183 -26.10 38.43 37.21
CA ARG A 183 -27.07 37.55 36.57
C ARG A 183 -27.02 37.73 35.07
N LEU A 184 -27.25 36.64 34.34
CA LEU A 184 -27.26 36.67 32.88
C LEU A 184 -28.38 37.58 32.40
N ALA A 185 -29.50 37.54 33.13
CA ALA A 185 -30.62 38.46 32.83
C ALA A 185 -30.19 39.94 32.76
N GLU A 186 -29.20 40.35 33.57
CA GLU A 186 -28.73 41.75 33.50
C GLU A 186 -27.94 42.10 32.24
N LEU A 187 -27.70 41.10 31.37
CA LEU A 187 -26.94 41.31 30.12
C LEU A 187 -27.79 41.28 28.86
N GLN A 188 -29.11 41.20 29.03
CA GLN A 188 -30.06 41.10 27.91
C GLN A 188 -30.02 42.30 27.01
N GLU A 189 -29.69 43.46 27.55
CA GLU A 189 -29.61 44.68 26.74
C GLU A 189 -28.28 44.83 25.99
N CYS A 190 -27.31 43.98 26.33
CA CYS A 190 -26.00 44.05 25.68
C CYS A 190 -25.97 43.41 24.29
N ARG A 191 -25.05 43.89 23.48
CA ARG A 191 -24.76 43.28 22.19
C ARG A 191 -23.49 42.46 22.25
N TRP A 192 -23.50 41.34 21.53
CA TRP A 192 -22.51 40.29 21.65
C TRP A 192 -21.62 40.13 20.43
N ALA A 193 -20.34 39.90 20.68
CA ALA A 193 -19.45 39.36 19.67
C ALA A 193 -19.52 37.84 19.77
N PHE A 194 -20.28 37.23 18.86
CA PHE A 194 -20.37 35.76 18.80
C PHE A 194 -19.02 35.16 18.48
N SER A 195 -18.55 34.30 19.37
CA SER A 195 -17.26 33.66 19.22
C SER A 195 -17.42 32.22 18.74
N SER A 196 -16.30 31.63 18.33
CA SER A 196 -16.27 30.28 17.78
C SER A 196 -16.59 29.24 18.86
N ALA A 197 -17.47 28.31 18.53
CA ALA A 197 -17.78 27.18 19.40
C ALA A 197 -18.00 25.95 18.51
N PRO A 198 -17.85 24.73 19.07
CA PRO A 198 -18.07 23.51 18.28
C PRO A 198 -19.46 23.44 17.67
N ARG A 199 -20.44 24.05 18.35
CA ARG A 199 -21.81 24.06 17.86
C ARG A 199 -22.16 25.29 17.02
N GLY A 200 -21.15 26.09 16.67
CA GLY A 200 -21.34 27.27 15.83
C GLY A 200 -21.12 28.59 16.56
N PRO A 201 -20.92 29.70 15.80
CA PRO A 201 -20.72 31.03 16.38
C PRO A 201 -21.80 31.40 17.39
N GLY A 202 -21.38 31.79 18.59
CA GLY A 202 -22.30 32.18 19.63
C GLY A 202 -23.07 31.04 20.30
N ALA A 203 -22.74 29.79 19.99
CA ALA A 203 -23.47 28.66 20.57
C ALA A 203 -23.54 28.69 22.09
N ILE A 204 -22.45 29.08 22.74
CA ILE A 204 -22.43 29.03 24.20
C ILE A 204 -23.37 30.06 24.83
N ILE A 205 -23.24 31.32 24.43
CA ILE A 205 -24.07 32.35 25.05
C ILE A 205 -25.55 32.17 24.67
N ARG A 206 -25.79 31.73 23.45
CA ARG A 206 -27.16 31.46 23.00
C ARG A 206 -27.79 30.33 23.84
N ASN A 207 -27.02 29.28 24.10
CA ASN A 207 -27.50 28.18 24.94
C ASN A 207 -27.68 28.62 26.39
N ALA A 208 -26.78 29.46 26.89
CA ALA A 208 -26.90 30.01 28.23
C ALA A 208 -28.19 30.84 28.38
N PHE A 209 -28.39 31.80 27.47
CA PHE A 209 -29.61 32.63 27.48
C PHE A 209 -30.84 31.76 27.44
N ALA A 210 -30.79 30.71 26.62
CA ALA A 210 -31.94 29.82 26.46
C ALA A 210 -32.30 29.07 27.74
N ARG A 211 -31.30 28.47 28.40
CA ARG A 211 -31.59 27.69 29.58
C ARG A 211 -32.00 28.57 30.76
N TYR A 212 -31.64 29.85 30.71
CA TYR A 212 -32.11 30.80 31.71
C TYR A 212 -33.44 31.46 31.38
N GLY A 213 -34.09 31.00 30.32
CA GLY A 213 -35.43 31.49 29.99
C GLY A 213 -35.45 32.91 29.44
N LEU A 214 -34.30 33.37 28.95
CA LEU A 214 -34.15 34.68 28.30
C LEU A 214 -34.41 34.65 26.77
N PRO A 215 -34.62 35.84 26.15
CA PRO A 215 -34.67 35.88 24.68
C PRO A 215 -33.30 35.63 24.06
N GLU A 216 -33.25 35.52 22.73
CA GLU A 216 -31.99 35.38 22.01
C GLU A 216 -31.10 36.56 22.38
N PRO A 217 -29.80 36.30 22.63
CA PRO A 217 -28.89 37.43 22.87
C PRO A 217 -28.78 38.28 21.61
N LYS A 218 -28.58 39.59 21.76
CA LYS A 218 -28.53 40.50 20.62
C LYS A 218 -27.17 40.39 19.92
N LEU A 219 -27.21 40.07 18.63
CA LEU A 219 -25.99 39.93 17.85
C LEU A 219 -25.36 41.30 17.54
N GLY A 220 -24.13 41.51 17.99
CA GLY A 220 -23.39 42.72 17.64
C GLY A 220 -22.54 42.43 16.42
N LEU A 221 -21.73 41.37 16.47
CA LEU A 221 -21.05 40.85 15.29
C LEU A 221 -20.59 39.42 15.51
N VAL A 222 -20.07 38.80 14.45
CA VAL A 222 -19.55 37.44 14.55
C VAL A 222 -18.04 37.52 14.41
N CYS A 223 -17.32 37.03 15.41
CA CYS A 223 -15.86 37.05 15.36
C CYS A 223 -15.34 35.65 15.53
N GLU A 224 -15.12 34.96 14.41
CA GLU A 224 -14.67 33.57 14.44
C GLU A 224 -13.22 33.43 14.84
N SER A 225 -12.47 34.52 14.69
CA SER A 225 -11.07 34.57 15.07
C SER A 225 -10.87 34.82 16.57
N PHE A 226 -10.39 33.82 17.30
CA PHE A 226 -9.97 34.04 18.69
C PHE A 226 -8.74 34.94 18.82
N LEU A 227 -7.93 35.00 17.78
CA LEU A 227 -6.80 35.92 17.78
C LEU A 227 -7.27 37.39 17.84
N ALA A 228 -8.24 37.71 16.98
CA ALA A 228 -8.79 39.06 16.85
C ALA A 228 -9.74 39.44 18.00
N LEU A 229 -10.37 38.45 18.62
CA LEU A 229 -11.49 38.71 19.54
C LEU A 229 -11.21 39.66 20.72
N PRO A 230 -10.11 39.44 21.49
CA PRO A 230 -9.86 40.33 22.64
C PRO A 230 -9.71 41.80 22.26
N GLY A 231 -8.90 42.09 21.24
CA GLY A 231 -8.80 43.46 20.72
C GLY A 231 -10.09 44.10 20.24
N VAL A 232 -10.92 43.33 19.56
CA VAL A 232 -12.20 43.80 19.01
C VAL A 232 -13.12 44.20 20.18
N VAL A 233 -13.18 43.33 21.19
CA VAL A 233 -14.00 43.58 22.38
C VAL A 233 -13.44 44.78 23.15
N ALA A 234 -12.11 44.88 23.22
CA ALA A 234 -11.51 45.95 24.00
C ALA A 234 -11.89 47.32 23.43
N HIS A 235 -12.14 47.38 22.13
CA HIS A 235 -12.45 48.64 21.44
C HIS A 235 -13.92 48.81 21.09
N SER A 236 -14.78 48.20 21.90
CA SER A 236 -16.21 48.29 21.67
C SER A 236 -16.95 48.15 23.00
N ASP A 237 -18.28 48.16 22.92
CA ASP A 237 -19.12 47.79 24.05
C ASP A 237 -19.69 46.38 23.92
N LEU A 238 -19.12 45.57 23.04
CA LEU A 238 -19.58 44.20 22.85
C LEU A 238 -19.11 43.34 24.00
N LEU A 239 -19.96 42.39 24.37
CA LEU A 239 -19.56 41.35 25.32
C LEU A 239 -19.30 40.11 24.50
N THR A 240 -18.44 39.26 25.02
CA THR A 240 -18.22 37.95 24.41
C THR A 240 -18.02 36.86 25.46
N THR A 241 -17.88 35.63 24.98
CA THR A 241 -17.54 34.48 25.79
C THR A 241 -16.20 33.93 25.25
N MET A 242 -15.26 33.68 26.14
CA MET A 242 -14.02 33.06 25.69
C MET A 242 -13.51 32.06 26.70
N PRO A 243 -12.65 31.14 26.24
CA PRO A 243 -11.87 30.31 27.17
C PRO A 243 -11.13 31.19 28.19
N ARG A 244 -11.11 30.76 29.44
CA ARG A 244 -10.38 31.47 30.49
C ARG A 244 -8.91 31.66 30.09
N THR A 245 -8.29 30.65 29.47
CA THR A 245 -6.90 30.80 29.05
C THR A 245 -6.68 31.99 28.10
N LEU A 246 -7.64 32.24 27.21
CA LEU A 246 -7.51 33.35 26.27
C LEU A 246 -7.71 34.67 27.00
N TYR A 247 -8.65 34.72 27.92
CA TYR A 247 -8.82 35.91 28.78
C TYR A 247 -7.52 36.21 29.58
N GLU A 248 -6.90 35.17 30.12
CA GLU A 248 -5.64 35.32 30.85
C GLU A 248 -4.45 35.64 29.96
N ARG A 249 -4.49 35.15 28.72
CA ARG A 249 -3.32 35.27 27.87
C ARG A 249 -3.64 35.93 26.54
N ASN A 250 -3.80 37.25 26.56
CA ASN A 250 -3.98 38.02 25.32
C ASN A 250 -3.32 39.39 25.44
N ALA A 251 -3.14 40.07 24.31
CA ALA A 251 -2.43 41.36 24.28
C ALA A 251 -3.23 42.56 24.80
N PHE A 252 -4.51 42.37 25.11
CA PHE A 252 -5.38 43.49 25.53
C PHE A 252 -5.87 43.36 26.99
N LYS A 253 -5.13 42.63 27.81
CA LYS A 253 -5.56 42.31 29.18
C LYS A 253 -5.94 43.55 30.00
N ASP A 254 -5.14 44.61 29.89
CA ASP A 254 -5.36 45.85 30.62
C ASP A 254 -6.60 46.64 30.17
N GLN A 255 -7.14 46.28 29.01
CA GLN A 255 -8.32 46.96 28.45
C GLN A 255 -9.60 46.15 28.65
N LEU A 256 -9.48 45.03 29.37
CA LEU A 256 -10.59 44.07 29.45
C LEU A 256 -10.90 43.75 30.90
N CYS A 257 -12.14 43.31 31.15
CA CYS A 257 -12.52 42.75 32.45
C CYS A 257 -13.31 41.49 32.19
N SER A 258 -13.42 40.62 33.18
CA SER A 258 -14.38 39.53 33.07
C SER A 258 -15.59 39.91 33.90
N ILE A 259 -16.74 39.36 33.56
CA ILE A 259 -17.97 39.58 34.31
C ILE A 259 -18.33 38.26 35.01
N PRO A 260 -17.86 38.08 36.26
CA PRO A 260 -18.14 36.81 36.93
C PRO A 260 -19.55 36.73 37.49
N LEU A 261 -20.42 36.03 36.78
CA LEU A 261 -21.81 35.94 37.16
C LEU A 261 -22.03 34.86 38.19
N GLN A 262 -23.08 35.02 39.01
CA GLN A 262 -23.53 33.95 39.87
C GLN A 262 -24.30 32.87 39.10
N ASP A 263 -24.64 33.14 37.85
CA ASP A 263 -25.26 32.15 36.97
C ASP A 263 -24.17 31.33 36.31
N ALA A 264 -24.42 30.03 36.17
CA ALA A 264 -23.41 29.12 35.65
C ALA A 264 -23.36 29.10 34.14
N LEU A 265 -22.15 29.02 33.61
CA LEU A 265 -21.91 28.76 32.20
C LEU A 265 -21.28 27.37 32.10
N PRO A 266 -21.21 26.79 30.90
CA PRO A 266 -20.60 25.47 30.77
C PRO A 266 -19.09 25.41 31.06
N ASN A 267 -18.62 24.21 31.38
CA ASN A 267 -17.20 23.93 31.48
C ASN A 267 -16.86 22.91 30.40
N PRO A 268 -16.56 23.37 29.16
CA PRO A 268 -16.33 22.46 28.03
C PRO A 268 -15.23 21.46 28.30
N THR A 269 -15.49 20.20 27.97
CA THR A 269 -14.48 19.15 28.10
C THR A 269 -13.66 19.13 26.82
N ILE A 270 -12.35 19.24 27.00
CA ILE A 270 -11.42 19.12 25.88
C ILE A 270 -10.98 17.66 25.74
N TYR A 271 -11.09 17.11 24.53
CA TYR A 271 -10.78 15.72 24.25
C TYR A 271 -9.58 15.57 23.32
N VAL A 272 -8.83 14.48 23.49
CA VAL A 272 -7.90 14.01 22.46
C VAL A 272 -8.73 13.09 21.57
N LEU A 273 -8.84 13.45 20.28
CA LEU A 273 -9.53 12.59 19.30
C LEU A 273 -8.55 11.98 18.30
N ARG A 274 -8.71 10.68 18.08
CA ARG A 274 -7.96 9.93 17.07
C ARG A 274 -8.95 9.05 16.33
N ARG A 275 -8.59 8.60 15.13
CA ARG A 275 -9.33 7.50 14.51
C ARG A 275 -9.07 6.25 15.33
N HIS A 276 -10.13 5.51 15.62
CA HIS A 276 -10.07 4.34 16.51
C HIS A 276 -9.13 3.22 16.04
N ASP A 277 -9.15 2.90 14.76
CA ASP A 277 -8.36 1.79 14.28
C ASP A 277 -6.85 2.05 14.23
N LEU A 278 -6.47 3.26 13.82
CA LEU A 278 -5.08 3.67 13.61
C LEU A 278 -4.11 3.41 14.73
N PRO A 279 -3.00 2.81 14.41
CA PRO A 279 -1.95 2.59 15.38
C PRO A 279 -1.13 3.88 15.57
N VAL A 280 -0.61 4.09 16.74
CA VAL A 280 -0.09 5.36 17.14
C VAL A 280 1.40 5.29 17.29
N THR A 281 2.12 6.27 16.78
CA THR A 281 3.58 6.27 16.91
C THR A 281 3.99 6.54 18.36
N PRO A 282 5.20 6.09 18.75
CA PRO A 282 5.75 6.42 20.05
C PRO A 282 5.71 7.92 20.33
N ALA A 283 6.16 8.72 19.36
CA ALA A 283 6.23 10.16 19.54
C ALA A 283 4.86 10.79 19.79
N ALA A 284 3.87 10.43 18.96
CA ALA A 284 2.51 10.98 19.10
C ALA A 284 1.93 10.61 20.46
N ALA A 285 2.18 9.37 20.87
CA ALA A 285 1.76 8.91 22.18
C ALA A 285 2.45 9.73 23.27
N GLY A 286 3.76 9.93 23.13
CA GLY A 286 4.54 10.78 24.05
C GLY A 286 4.10 12.24 24.11
N LEU A 287 3.82 12.85 22.97
CA LEU A 287 3.33 14.22 22.92
C LEU A 287 2.00 14.39 23.68
N ILE A 288 1.06 13.48 23.42
CA ILE A 288 -0.21 13.46 24.12
C ILE A 288 0.02 13.34 25.64
N ARG A 289 0.87 12.38 26.04
CA ARG A 289 1.29 12.25 27.45
C ARG A 289 1.78 13.58 28.03
N TRP A 290 2.65 14.27 27.29
CA TRP A 290 3.19 15.55 27.74
C TRP A 290 2.14 16.65 27.83
N ILE A 291 1.24 16.71 26.85
CA ILE A 291 0.09 17.61 26.89
C ILE A 291 -0.85 17.28 28.05
N GLN A 292 -1.13 16.00 28.27
CA GLN A 292 -1.90 15.55 29.43
C GLN A 292 -1.23 16.03 30.71
N HIS A 293 0.09 15.83 30.79
CA HIS A 293 0.85 16.18 31.98
C HIS A 293 0.70 17.65 32.35
N HIS A 294 0.74 18.52 31.36
CA HIS A 294 0.70 19.96 31.60
C HIS A 294 -0.70 20.55 31.64
N ALA A 295 -1.70 19.72 31.40
CA ALA A 295 -3.10 20.08 31.61
C ALA A 295 -3.52 19.63 33.02
N LEU A 296 -3.02 20.36 34.01
CA LEU A 296 -3.23 20.03 35.43
C LEU A 296 -4.70 19.88 35.81
N MET B 1 15.27 -10.58 14.86
CA MET B 1 15.34 -11.27 13.55
C MET B 1 14.00 -11.89 13.16
N LEU B 2 13.69 -11.84 11.87
CA LEU B 2 12.48 -12.44 11.32
C LEU B 2 12.42 -13.95 11.59
N LYS B 3 11.23 -14.44 11.89
CA LYS B 3 10.98 -15.88 11.91
C LYS B 3 10.34 -16.29 10.60
N LEU B 4 11.03 -17.12 9.83
CA LEU B 4 10.58 -17.44 8.47
C LEU B 4 9.27 -18.24 8.42
N GLN B 5 9.03 -19.06 9.44
CA GLN B 5 7.75 -19.79 9.57
C GLN B 5 6.54 -18.84 9.67
N THR B 6 6.75 -17.65 10.23
CA THR B 6 5.68 -16.68 10.41
C THR B 6 5.27 -16.03 9.08
N LEU B 7 6.24 -15.90 8.16
CA LEU B 7 5.97 -15.30 6.85
C LEU B 7 4.92 -16.10 6.08
N GLN B 8 5.10 -17.42 6.05
CA GLN B 8 4.17 -18.33 5.39
C GLN B 8 2.79 -18.34 6.04
N ALA B 9 2.65 -17.68 7.20
CA ALA B 9 1.35 -17.51 7.85
C ALA B 9 0.74 -16.13 7.56
N LEU B 10 1.60 -15.14 7.34
CA LEU B 10 1.12 -13.79 7.07
C LEU B 10 0.41 -13.77 5.74
N ILE B 11 1.03 -14.46 4.77
CA ILE B 11 0.47 -14.64 3.44
C ILE B 11 -0.94 -15.24 3.56
N CYS B 12 -1.07 -16.24 4.42
CA CYS B 12 -2.36 -16.86 4.71
C CYS B 12 -3.26 -15.88 5.45
N ALA B 36 2.45 -14.85 17.26
CA ALA B 36 3.22 -15.06 16.04
C ALA B 36 3.36 -13.76 15.21
N ILE B 37 2.22 -13.13 14.93
CA ILE B 37 2.19 -11.86 14.19
C ILE B 37 2.83 -10.73 14.99
N GLN B 38 2.55 -10.69 16.30
CA GLN B 38 3.08 -9.67 17.19
C GLN B 38 4.61 -9.70 17.29
N GLN B 39 5.19 -10.90 17.22
CA GLN B 39 6.64 -11.06 17.18
C GLN B 39 7.21 -10.50 15.88
N LEU B 40 6.48 -10.71 14.78
CA LEU B 40 6.86 -10.14 13.48
C LEU B 40 6.71 -8.61 13.48
N GLU B 41 5.60 -8.13 14.04
CA GLU B 41 5.36 -6.69 14.16
C GLU B 41 6.39 -6.03 15.06
N ASP B 42 6.83 -6.74 16.09
CA ASP B 42 7.88 -6.27 16.99
C ASP B 42 9.27 -6.31 16.36
N GLU B 43 9.53 -7.35 15.57
CA GLU B 43 10.77 -7.42 14.79
C GLU B 43 10.89 -6.26 13.78
N LEU B 44 9.78 -5.91 13.15
CA LEU B 44 9.76 -4.78 12.23
C LEU B 44 9.62 -3.44 12.96
N LYS B 45 9.01 -3.51 14.15
CA LYS B 45 8.71 -2.34 14.99
C LYS B 45 7.61 -1.46 14.35
N ALA B 46 6.85 -2.07 13.44
CA ALA B 46 5.79 -1.38 12.71
C ALA B 46 4.53 -2.23 12.69
N PRO B 47 3.35 -1.57 12.63
CA PRO B 47 2.09 -2.33 12.48
C PRO B 47 1.99 -2.94 11.08
N LEU B 48 1.59 -4.20 10.99
CA LEU B 48 1.40 -4.86 9.69
C LEU B 48 -0.08 -5.11 9.37
N LEU B 49 -0.87 -5.29 10.43
CA LEU B 49 -2.32 -5.47 10.31
C LEU B 49 -3.08 -4.38 11.08
N VAL B 50 -4.32 -4.11 10.65
CA VAL B 50 -5.19 -3.15 11.33
C VAL B 50 -6.55 -3.75 11.71
N SER B 57 -7.00 -6.34 7.16
CA SER B 57 -6.34 -5.46 6.20
C SER B 57 -4.89 -5.16 6.58
N LEU B 58 -4.03 -5.13 5.57
CA LEU B 58 -2.62 -4.81 5.74
C LEU B 58 -2.42 -3.30 5.84
N THR B 59 -1.63 -2.87 6.81
CA THR B 59 -1.17 -1.48 6.89
C THR B 59 -0.26 -1.19 5.68
N SER B 60 0.03 0.09 5.44
CA SER B 60 0.94 0.50 4.37
C SER B 60 2.30 -0.24 4.45
N PHE B 61 2.77 -0.50 5.67
CA PHE B 61 3.97 -1.31 5.89
C PHE B 61 3.74 -2.75 5.46
N GLY B 62 2.60 -3.31 5.87
CA GLY B 62 2.20 -4.68 5.52
C GLY B 62 2.20 -4.97 4.02
N GLN B 63 1.74 -4.00 3.24
CA GLN B 63 1.75 -4.14 1.78
C GLN B 63 3.16 -4.14 1.23
N ALA B 64 3.96 -3.19 1.68
CA ALA B 64 5.38 -3.14 1.30
C ALA B 64 6.09 -4.43 1.72
N PHE B 65 5.74 -4.94 2.89
CA PHE B 65 6.35 -6.15 3.45
C PHE B 65 6.01 -7.42 2.64
N MET B 66 4.79 -7.45 2.11
CA MET B 66 4.27 -8.64 1.45
C MET B 66 5.07 -9.10 0.23
N LYS B 67 5.58 -8.17 -0.58
CA LYS B 67 6.31 -8.58 -1.79
C LYS B 67 7.56 -9.37 -1.40
N HIS B 68 8.25 -8.88 -0.36
CA HIS B 68 9.41 -9.55 0.21
C HIS B 68 9.08 -10.91 0.81
N ALA B 69 7.99 -10.96 1.59
CA ALA B 69 7.61 -12.20 2.24
C ALA B 69 7.29 -13.27 1.20
N ARG B 70 6.63 -12.87 0.11
CA ARG B 70 6.31 -13.80 -0.97
C ARG B 70 7.57 -14.39 -1.61
N LEU B 71 8.55 -13.55 -1.94
CA LEU B 71 9.79 -14.04 -2.53
C LEU B 71 10.51 -15.00 -1.59
N ILE B 72 10.62 -14.62 -0.33
CA ILE B 72 11.26 -15.46 0.70
C ILE B 72 10.57 -16.84 0.81
N VAL B 73 9.25 -16.83 0.94
CA VAL B 73 8.50 -18.09 1.06
C VAL B 73 8.59 -18.93 -0.22
N THR B 74 8.38 -18.32 -1.38
CA THR B 74 8.46 -19.09 -2.64
C THR B 74 9.88 -19.60 -2.94
N GLU B 75 10.90 -18.78 -2.70
CA GLU B 75 12.28 -19.22 -2.82
C GLU B 75 12.63 -20.36 -1.87
N SER B 76 12.12 -20.29 -0.64
CA SER B 76 12.35 -21.35 0.35
C SER B 76 11.77 -22.67 -0.19
N ARG B 77 10.56 -22.62 -0.72
CA ARG B 77 9.91 -23.82 -1.26
C ARG B 77 10.67 -24.35 -2.49
N ARG B 78 11.03 -23.46 -3.43
CA ARG B 78 11.82 -23.88 -4.58
C ARG B 78 13.15 -24.53 -4.19
N ALA B 79 13.80 -23.96 -3.16
CA ALA B 79 15.06 -24.50 -2.65
C ALA B 79 14.90 -25.95 -2.19
N GLN B 80 13.87 -26.22 -1.40
CA GLN B 80 13.61 -27.57 -0.92
C GLN B 80 13.23 -28.52 -2.05
N GLU B 81 12.37 -28.06 -2.96
CA GLU B 81 11.94 -28.89 -4.09
C GLU B 81 13.10 -29.25 -5.00
N GLU B 82 13.94 -28.28 -5.30
CA GLU B 82 15.13 -28.53 -6.10
C GLU B 82 16.03 -29.61 -5.50
N ILE B 83 16.27 -29.56 -4.18
CA ILE B 83 17.09 -30.59 -3.57
C ILE B 83 16.48 -31.98 -3.73
N GLY B 84 15.18 -32.10 -3.54
CA GLY B 84 14.52 -33.37 -3.75
C GLY B 84 14.68 -33.84 -5.19
N GLN B 85 14.56 -32.90 -6.13
CA GLN B 85 14.76 -33.24 -7.54
C GLN B 85 16.20 -33.68 -7.84
N LEU B 86 17.18 -33.02 -7.22
CA LEU B 86 18.60 -33.47 -7.34
C LEU B 86 18.85 -34.86 -6.78
N ARG B 87 17.97 -35.30 -5.90
CA ARG B 87 18.02 -36.64 -5.30
C ARG B 87 17.07 -37.64 -6.00
N GLY B 88 16.50 -37.26 -7.13
CA GLY B 88 15.59 -38.15 -7.84
C GLY B 88 14.18 -38.21 -7.28
N ARG B 89 13.81 -37.29 -6.41
CA ARG B 89 12.43 -37.22 -5.97
C ARG B 89 11.76 -36.08 -6.74
N TRP B 90 11.10 -36.44 -7.85
CA TRP B 90 10.56 -35.43 -8.76
C TRP B 90 9.14 -35.00 -8.39
N GLU B 91 9.09 -34.25 -7.28
CA GLU B 91 7.87 -33.73 -6.73
C GLU B 91 8.12 -32.26 -6.64
N GLY B 92 7.06 -31.49 -6.45
CA GLY B 92 7.17 -30.05 -6.29
C GLY B 92 6.10 -29.32 -7.07
N HIS B 93 6.30 -28.01 -7.24
CA HIS B 93 5.31 -27.14 -7.84
C HIS B 93 5.95 -26.28 -8.94
N ILE B 94 5.18 -26.03 -9.98
CA ILE B 94 5.52 -25.03 -11.00
C ILE B 94 4.27 -24.22 -11.22
N THR B 95 4.41 -22.91 -11.17
CA THR B 95 3.30 -22.01 -11.42
C THR B 95 3.75 -21.06 -12.52
N PHE B 96 2.93 -20.95 -13.56
CA PHE B 96 3.29 -20.11 -14.71
C PHE B 96 2.07 -19.49 -15.38
N ALA B 97 2.33 -18.44 -16.15
CA ALA B 97 1.29 -17.77 -16.89
C ALA B 97 1.56 -17.95 -18.38
N ALA B 98 0.46 -17.92 -19.15
CA ALA B 98 0.49 -18.15 -20.57
C ALA B 98 -0.47 -17.19 -21.27
N SER B 99 0.02 -16.54 -22.33
CA SER B 99 -0.83 -15.62 -23.09
C SER B 99 -1.70 -16.49 -24.01
N PRO B 100 -2.75 -15.91 -24.62
CA PRO B 100 -3.73 -16.72 -25.38
C PRO B 100 -3.20 -17.62 -26.52
N ALA B 101 -2.31 -17.14 -27.39
CA ALA B 101 -1.86 -18.00 -28.51
C ALA B 101 -1.10 -19.25 -28.04
N ILE B 102 -0.25 -19.07 -27.03
CA ILE B 102 0.48 -20.14 -26.35
C ILE B 102 -0.47 -21.17 -25.78
N ALA B 103 -1.47 -20.65 -25.07
CA ALA B 103 -2.41 -21.47 -24.31
C ALA B 103 -3.20 -22.39 -25.22
N LEU B 104 -3.43 -21.93 -26.46
CA LEU B 104 -4.25 -22.65 -27.43
C LEU B 104 -3.53 -23.66 -28.33
N ALA B 105 -2.24 -23.42 -28.58
CA ALA B 105 -1.48 -24.21 -29.55
C ALA B 105 -0.50 -25.16 -28.88
N ALA B 106 0.64 -24.63 -28.44
CA ALA B 106 1.72 -25.44 -27.89
C ALA B 106 1.43 -26.01 -26.48
N LEU B 107 0.68 -25.25 -25.69
CA LEU B 107 0.53 -25.61 -24.28
C LEU B 107 -0.14 -26.97 -23.97
N PRO B 108 -1.26 -27.33 -24.65
CA PRO B 108 -1.84 -28.65 -24.35
C PRO B 108 -0.86 -29.80 -24.59
N LEU B 109 -0.10 -29.70 -25.68
CA LEU B 109 0.88 -30.72 -26.06
C LEU B 109 2.08 -30.74 -25.10
N ALA B 110 2.54 -29.56 -24.69
CA ALA B 110 3.70 -29.49 -23.78
C ALA B 110 3.35 -29.99 -22.37
N LEU B 111 2.16 -29.64 -21.89
CA LEU B 111 1.73 -30.09 -20.57
C LEU B 111 1.57 -31.61 -20.54
N ALA B 112 1.00 -32.17 -21.61
CA ALA B 112 0.87 -33.62 -21.77
C ALA B 112 2.22 -34.35 -21.75
N SER B 113 3.18 -33.86 -22.55
CA SER B 113 4.54 -34.46 -22.59
C SER B 113 5.26 -34.31 -21.27
N PHE B 114 5.11 -33.14 -20.65
CA PHE B 114 5.70 -32.89 -19.33
C PHE B 114 5.15 -33.84 -18.28
N ALA B 115 3.83 -34.07 -18.32
CA ALA B 115 3.21 -34.90 -17.30
C ALA B 115 3.70 -36.36 -17.40
N ARG B 116 4.00 -36.79 -18.63
CA ARG B 116 4.53 -38.14 -18.85
C ARG B 116 5.92 -38.30 -18.26
N GLU B 117 6.76 -37.29 -18.43
CA GLU B 117 8.14 -37.38 -17.94
C GLU B 117 8.24 -37.12 -16.44
N PHE B 118 7.38 -36.22 -15.96
CA PHE B 118 7.39 -35.76 -14.56
C PHE B 118 5.99 -35.95 -13.90
N PRO B 119 5.55 -37.21 -13.71
CA PRO B 119 4.15 -37.44 -13.28
C PRO B 119 3.74 -36.84 -11.94
N ASP B 120 4.71 -36.64 -11.05
CA ASP B 120 4.42 -36.23 -9.67
C ASP B 120 4.63 -34.73 -9.36
N VAL B 121 4.94 -33.91 -10.37
CA VAL B 121 5.07 -32.47 -10.18
C VAL B 121 3.72 -31.79 -10.35
N THR B 122 3.37 -30.90 -9.42
CA THR B 122 2.11 -30.16 -9.51
C THR B 122 2.27 -28.86 -10.30
N VAL B 123 1.50 -28.76 -11.38
CA VAL B 123 1.55 -27.62 -12.28
C VAL B 123 0.29 -26.77 -12.13
N ASN B 124 0.49 -25.46 -12.12
CA ASN B 124 -0.56 -24.46 -11.98
C ASN B 124 -0.40 -23.45 -13.11
N VAL B 125 -1.36 -23.42 -14.01
CA VAL B 125 -1.31 -22.51 -15.15
C VAL B 125 -2.38 -21.43 -15.04
N ARG B 126 -2.00 -20.21 -15.36
CA ARG B 126 -2.96 -19.13 -15.38
C ARG B 126 -2.79 -18.29 -16.66
N ASP B 127 -3.75 -17.44 -16.94
CA ASP B 127 -3.62 -16.47 -18.03
C ASP B 127 -2.69 -15.38 -17.55
N GLY B 128 -1.99 -14.75 -18.49
CA GLY B 128 -1.18 -13.61 -18.13
C GLY B 128 -0.52 -13.03 -19.36
N MET B 129 -0.28 -11.72 -19.28
CA MET B 129 0.38 -10.96 -20.33
C MET B 129 1.36 -9.97 -19.72
N TYR B 130 2.47 -9.72 -20.43
CA TYR B 130 3.38 -8.65 -20.09
C TYR B 130 2.67 -7.32 -20.36
N PRO B 131 2.88 -6.31 -19.49
CA PRO B 131 3.72 -6.27 -18.30
C PRO B 131 3.01 -6.62 -16.99
N ALA B 132 1.73 -6.98 -17.07
CA ALA B 132 0.96 -7.36 -15.89
C ALA B 132 1.61 -8.48 -15.09
N VAL B 133 2.29 -9.40 -15.80
CA VAL B 133 2.96 -10.52 -15.12
C VAL B 133 4.22 -10.13 -14.32
N SER B 134 4.80 -8.96 -14.60
CA SER B 134 6.10 -8.62 -14.00
C SER B 134 6.20 -8.69 -12.47
N PRO B 135 5.23 -8.12 -11.74
CA PRO B 135 5.36 -8.16 -10.27
C PRO B 135 5.32 -9.58 -9.73
N GLN B 136 4.59 -10.44 -10.41
CA GLN B 136 4.46 -11.84 -10.01
C GLN B 136 5.67 -12.66 -10.42
N LEU B 137 6.41 -12.22 -11.42
CA LEU B 137 7.72 -12.81 -11.65
C LEU B 137 8.72 -12.34 -10.57
N ARG B 138 8.60 -11.08 -10.17
CA ARG B 138 9.53 -10.48 -9.20
C ARG B 138 9.36 -10.99 -7.78
N ASP B 139 8.14 -11.31 -7.38
CA ASP B 139 7.90 -11.83 -6.04
C ASP B 139 7.91 -13.35 -5.96
N GLY B 140 8.25 -14.01 -7.07
CA GLY B 140 8.43 -15.45 -7.11
C GLY B 140 7.16 -16.25 -7.17
N THR B 141 6.00 -15.57 -7.28
CA THR B 141 4.75 -16.31 -7.34
C THR B 141 4.62 -17.04 -8.70
N LEU B 142 5.24 -16.52 -9.76
CA LEU B 142 5.32 -17.24 -11.06
C LEU B 142 6.73 -17.71 -11.37
N ASP B 143 6.90 -18.99 -11.73
CA ASP B 143 8.21 -19.50 -12.14
C ASP B 143 8.63 -18.81 -13.45
N PHE B 144 7.66 -18.60 -14.33
CA PHE B 144 7.91 -18.00 -15.64
C PHE B 144 6.61 -17.55 -16.27
N ALA B 145 6.71 -16.73 -17.32
CA ALA B 145 5.52 -16.36 -18.10
C ALA B 145 5.82 -16.52 -19.57
N LEU B 146 4.84 -16.99 -20.32
CA LEU B 146 4.95 -17.17 -21.75
C LEU B 146 4.07 -16.11 -22.40
N THR B 147 4.67 -15.12 -23.04
CA THR B 147 3.91 -13.96 -23.47
C THR B 147 4.66 -13.17 -24.49
N ALA B 148 3.89 -12.58 -25.41
CA ALA B 148 4.39 -11.55 -26.30
C ALA B 148 4.93 -10.38 -25.50
N ALA B 149 5.97 -9.75 -26.04
CA ALA B 149 6.54 -8.52 -25.48
C ALA B 149 7.41 -7.86 -26.56
N HIS B 150 7.56 -6.54 -26.47
CA HIS B 150 8.59 -5.81 -27.23
C HIS B 150 9.89 -5.90 -26.41
N LYS B 151 10.93 -6.49 -26.99
CA LYS B 151 12.22 -6.69 -26.32
C LYS B 151 12.75 -5.48 -25.56
N HIS B 152 12.70 -4.30 -26.18
CA HIS B 152 13.22 -3.07 -25.56
C HIS B 152 12.39 -2.53 -24.40
N ASP B 153 11.16 -3.05 -24.25
CA ASP B 153 10.28 -2.71 -23.13
C ASP B 153 10.53 -3.60 -21.89
N ILE B 154 11.21 -4.72 -22.09
CA ILE B 154 11.35 -5.71 -21.01
C ILE B 154 12.30 -5.22 -19.92
N ASP B 155 11.79 -5.14 -18.69
CA ASP B 155 12.56 -4.69 -17.53
C ASP B 155 13.89 -5.43 -17.37
N THR B 156 14.92 -4.67 -17.00
CA THR B 156 16.29 -5.13 -16.96
C THR B 156 16.60 -6.33 -16.02
N ASP B 157 15.79 -6.53 -15.00
CA ASP B 157 15.95 -7.68 -14.09
C ASP B 157 15.28 -8.97 -14.62
N LEU B 158 14.62 -8.89 -15.77
CA LEU B 158 13.97 -10.06 -16.34
C LEU B 158 14.79 -10.62 -17.49
N GLU B 159 14.85 -11.93 -17.61
CA GLU B 159 15.40 -12.53 -18.81
C GLU B 159 14.26 -12.89 -19.77
N ALA B 160 14.55 -12.80 -21.06
CA ALA B 160 13.56 -13.08 -22.10
C ALA B 160 14.15 -14.05 -23.13
N GLN B 161 13.62 -15.26 -23.19
CA GLN B 161 14.09 -16.26 -24.16
C GLN B 161 13.06 -16.42 -25.28
N PRO B 162 13.43 -16.08 -26.53
CA PRO B 162 12.43 -16.18 -27.61
C PRO B 162 11.87 -17.59 -27.71
N LEU B 163 10.55 -17.67 -27.90
CA LEU B 163 9.86 -18.93 -27.94
C LEU B 163 9.26 -19.14 -29.32
N TYR B 164 8.62 -18.09 -29.83
CA TYR B 164 7.75 -18.14 -30.99
C TYR B 164 7.69 -16.80 -31.69
N VAL B 165 7.68 -16.80 -33.02
CA VAL B 165 7.32 -15.56 -33.70
C VAL B 165 5.90 -15.73 -34.23
N SER B 166 4.98 -14.89 -33.76
CA SER B 166 3.58 -15.09 -34.08
C SER B 166 3.12 -14.27 -35.28
N ASP B 167 1.85 -14.46 -35.62
CA ASP B 167 1.19 -13.87 -36.76
C ASP B 167 -0.06 -13.18 -36.23
N VAL B 168 -0.31 -11.95 -36.67
CA VAL B 168 -1.53 -11.25 -36.27
C VAL B 168 -2.46 -11.05 -37.49
N VAL B 169 -3.76 -11.27 -37.31
CA VAL B 169 -4.73 -11.03 -38.37
C VAL B 169 -5.83 -10.07 -37.93
N ILE B 170 -6.45 -9.42 -38.91
CA ILE B 170 -7.63 -8.62 -38.66
C ILE B 170 -8.87 -9.50 -38.87
N VAL B 171 -9.77 -9.46 -37.90
CA VAL B 171 -10.92 -10.34 -37.88
C VAL B 171 -12.22 -9.56 -37.79
N GLY B 172 -13.24 -10.02 -38.53
CA GLY B 172 -14.59 -9.48 -38.40
C GLY B 172 -15.64 -10.57 -38.55
N GLN B 173 -16.89 -10.24 -38.26
CA GLN B 173 -18.00 -11.14 -38.57
C GLN B 173 -17.90 -11.58 -40.05
N ARG B 174 -18.29 -12.82 -40.34
CA ARG B 174 -18.11 -13.41 -41.67
C ARG B 174 -18.69 -12.58 -42.85
N GLN B 175 -19.79 -11.88 -42.62
CA GLN B 175 -20.38 -11.06 -43.69
C GLN B 175 -20.15 -9.55 -43.49
N HIS B 176 -19.04 -9.20 -42.84
CA HIS B 176 -18.70 -7.81 -42.56
C HIS B 176 -18.69 -6.98 -43.85
N PRO B 177 -19.17 -5.73 -43.82
CA PRO B 177 -19.11 -4.87 -45.01
C PRO B 177 -17.69 -4.75 -45.58
N MET B 178 -16.68 -4.85 -44.72
CA MET B 178 -15.28 -4.73 -45.17
C MET B 178 -14.53 -6.07 -45.26
N ALA B 179 -15.28 -7.17 -45.28
CA ALA B 179 -14.69 -8.51 -45.34
C ALA B 179 -13.70 -8.68 -46.50
N ASN B 180 -13.85 -7.88 -47.55
CA ASN B 180 -13.03 -8.02 -48.75
C ASN B 180 -12.01 -6.88 -48.90
N ALA B 181 -11.90 -6.06 -47.86
CA ALA B 181 -10.90 -4.99 -47.87
C ALA B 181 -9.49 -5.57 -47.96
N THR B 182 -8.60 -4.88 -48.67
CA THR B 182 -7.22 -5.35 -48.76
C THR B 182 -6.20 -4.34 -48.20
N ARG B 183 -6.66 -3.15 -47.83
CA ARG B 183 -5.77 -2.08 -47.32
C ARG B 183 -6.31 -1.54 -46.01
N LEU B 184 -5.41 -1.19 -45.08
CA LEU B 184 -5.81 -0.60 -43.81
C LEU B 184 -6.67 0.63 -44.04
N ALA B 185 -6.33 1.39 -45.08
CA ALA B 185 -7.04 2.63 -45.41
C ALA B 185 -8.54 2.42 -45.58
N GLU B 186 -8.92 1.26 -46.12
CA GLU B 186 -10.33 0.91 -46.36
C GLU B 186 -11.07 0.62 -45.06
N LEU B 187 -10.33 0.48 -43.96
CA LEU B 187 -10.92 0.18 -42.67
C LEU B 187 -11.04 1.40 -41.76
N GLN B 188 -10.73 2.58 -42.30
CA GLN B 188 -10.69 3.82 -41.51
C GLN B 188 -12.00 4.12 -40.79
N GLU B 189 -13.13 3.84 -41.47
CA GLU B 189 -14.43 4.24 -40.92
C GLU B 189 -15.00 3.20 -39.95
N CYS B 190 -14.30 2.07 -39.80
CA CYS B 190 -14.78 0.96 -38.98
C CYS B 190 -14.63 1.22 -37.50
N ARG B 191 -15.42 0.52 -36.71
CA ARG B 191 -15.25 0.52 -35.28
C ARG B 191 -14.56 -0.76 -34.81
N TRP B 192 -13.71 -0.59 -33.80
CA TRP B 192 -12.80 -1.64 -33.38
C TRP B 192 -13.12 -2.16 -31.99
N ALA B 193 -13.01 -3.48 -31.84
CA ALA B 193 -12.95 -4.09 -30.53
C ALA B 193 -11.48 -4.09 -30.23
N PHE B 194 -11.07 -3.01 -29.56
CA PHE B 194 -9.71 -2.87 -29.07
C PHE B 194 -9.46 -4.09 -28.20
N SER B 195 -8.52 -4.91 -28.64
CA SER B 195 -8.14 -6.11 -27.94
C SER B 195 -6.88 -5.82 -27.12
N SER B 196 -6.59 -6.70 -26.16
CA SER B 196 -5.51 -6.51 -25.21
C SER B 196 -4.13 -6.70 -25.86
N ALA B 197 -3.12 -6.01 -25.34
CA ALA B 197 -1.76 -6.09 -25.87
C ALA B 197 -0.73 -5.59 -24.86
N PRO B 198 0.57 -5.98 -25.02
CA PRO B 198 1.59 -5.50 -24.08
C PRO B 198 1.69 -3.97 -23.99
N ARG B 199 1.46 -3.28 -25.09
CA ARG B 199 1.49 -1.81 -25.03
C ARG B 199 0.11 -1.18 -24.82
N GLY B 200 -0.86 -2.02 -24.45
CA GLY B 200 -2.18 -1.53 -24.09
C GLY B 200 -3.23 -1.90 -25.11
N PRO B 201 -4.52 -1.69 -24.77
CA PRO B 201 -5.63 -2.13 -25.63
C PRO B 201 -5.63 -1.41 -26.97
N GLY B 202 -5.63 -2.17 -28.05
CA GLY B 202 -5.66 -1.62 -29.40
C GLY B 202 -4.32 -1.18 -29.97
N ALA B 203 -3.24 -1.42 -29.21
CA ALA B 203 -1.90 -0.90 -29.55
C ALA B 203 -1.38 -1.30 -30.93
N ILE B 204 -1.59 -2.56 -31.31
CA ILE B 204 -1.19 -3.01 -32.65
C ILE B 204 -1.92 -2.25 -33.77
N ILE B 205 -3.25 -2.15 -33.69
CA ILE B 205 -4.02 -1.45 -34.73
C ILE B 205 -3.74 0.07 -34.75
N ARG B 206 -3.62 0.67 -33.56
CA ARG B 206 -3.31 2.09 -33.41
C ARG B 206 -1.95 2.42 -34.05
N ASN B 207 -0.92 1.62 -33.72
CA ASN B 207 0.40 1.81 -34.33
C ASN B 207 0.43 1.55 -35.83
N ALA B 208 -0.34 0.55 -36.27
CA ALA B 208 -0.45 0.23 -37.68
C ALA B 208 -1.12 1.37 -38.44
N PHE B 209 -2.23 1.85 -37.90
CA PHE B 209 -2.91 3.02 -38.49
C PHE B 209 -1.92 4.16 -38.60
N ALA B 210 -1.16 4.40 -37.53
CA ALA B 210 -0.23 5.53 -37.47
C ALA B 210 0.89 5.39 -38.50
N ARG B 211 1.49 4.20 -38.58
CA ARG B 211 2.57 3.96 -39.54
C ARG B 211 2.12 4.12 -40.99
N TYR B 212 0.86 3.77 -41.26
CA TYR B 212 0.29 3.87 -42.59
C TYR B 212 -0.33 5.23 -42.87
N GLY B 213 -0.07 6.20 -41.99
CA GLY B 213 -0.50 7.58 -42.21
C GLY B 213 -1.99 7.82 -42.09
N LEU B 214 -2.66 7.04 -41.25
CA LEU B 214 -4.11 7.13 -41.06
C LEU B 214 -4.46 7.79 -39.73
N PRO B 215 -5.69 8.34 -39.59
CA PRO B 215 -6.10 8.88 -38.29
C PRO B 215 -6.25 7.75 -37.27
N GLU B 216 -6.45 8.11 -36.01
CA GLU B 216 -6.68 7.16 -34.94
C GLU B 216 -7.81 6.19 -35.29
N PRO B 217 -7.63 4.88 -35.00
CA PRO B 217 -8.72 3.95 -35.29
C PRO B 217 -9.94 4.30 -34.44
N LYS B 218 -11.11 4.30 -35.07
CA LYS B 218 -12.35 4.65 -34.39
C LYS B 218 -12.74 3.51 -33.47
N LEU B 219 -12.74 3.80 -32.17
CA LEU B 219 -13.04 2.78 -31.19
C LEU B 219 -14.56 2.54 -31.08
N GLY B 220 -14.94 1.27 -31.15
CA GLY B 220 -16.31 0.83 -30.89
C GLY B 220 -16.48 0.40 -29.44
N LEU B 221 -15.55 -0.41 -28.95
CA LEU B 221 -15.50 -0.80 -27.53
C LEU B 221 -14.15 -1.40 -27.22
N VAL B 222 -13.87 -1.60 -25.93
CA VAL B 222 -12.62 -2.23 -25.48
C VAL B 222 -12.92 -3.57 -24.84
N CYS B 223 -12.24 -4.59 -25.35
CA CYS B 223 -12.47 -5.96 -24.89
C CYS B 223 -11.15 -6.58 -24.44
N GLU B 224 -10.96 -6.67 -23.13
CA GLU B 224 -9.72 -7.23 -22.54
C GLU B 224 -9.69 -8.73 -22.70
N SER B 225 -10.89 -9.32 -22.66
CA SER B 225 -11.04 -10.77 -22.64
C SER B 225 -10.84 -11.40 -24.00
N PHE B 226 -9.78 -12.19 -24.14
CA PHE B 226 -9.63 -12.98 -25.35
C PHE B 226 -10.67 -14.10 -25.44
N LEU B 227 -11.08 -14.66 -24.29
CA LEU B 227 -12.12 -15.69 -24.30
C LEU B 227 -13.41 -15.13 -24.94
N ALA B 228 -13.80 -13.92 -24.55
CA ALA B 228 -15.03 -13.31 -25.07
C ALA B 228 -14.94 -12.69 -26.48
N LEU B 229 -13.74 -12.28 -26.88
CA LEU B 229 -13.57 -11.46 -28.09
C LEU B 229 -14.16 -12.06 -29.39
N PRO B 230 -13.86 -13.34 -29.72
CA PRO B 230 -14.35 -13.86 -30.99
C PRO B 230 -15.88 -13.80 -31.09
N GLY B 231 -16.56 -14.15 -30.01
CA GLY B 231 -18.02 -14.14 -29.97
C GLY B 231 -18.59 -12.74 -30.05
N VAL B 232 -17.91 -11.78 -29.42
CA VAL B 232 -18.30 -10.34 -29.51
C VAL B 232 -18.20 -9.82 -30.95
N VAL B 233 -17.10 -10.16 -31.61
CA VAL B 233 -16.88 -9.79 -33.01
C VAL B 233 -17.88 -10.50 -33.95
N ALA B 234 -18.10 -11.80 -33.75
CA ALA B 234 -19.08 -12.58 -34.54
C ALA B 234 -20.50 -12.01 -34.49
N HIS B 235 -20.87 -11.39 -33.37
CA HIS B 235 -22.23 -10.85 -33.20
C HIS B 235 -22.31 -9.32 -33.21
N SER B 236 -21.37 -8.68 -33.91
CA SER B 236 -21.36 -7.24 -34.10
C SER B 236 -20.68 -6.90 -35.43
N ASP B 237 -20.56 -5.61 -35.76
CA ASP B 237 -19.77 -5.16 -36.93
C ASP B 237 -18.36 -4.67 -36.58
N LEU B 238 -17.92 -4.95 -35.35
CA LEU B 238 -16.60 -4.56 -34.86
C LEU B 238 -15.46 -5.40 -35.42
N LEU B 239 -14.44 -4.73 -35.93
CA LEU B 239 -13.21 -5.41 -36.33
C LEU B 239 -12.27 -5.54 -35.12
N THR B 240 -11.41 -6.56 -35.15
CA THR B 240 -10.38 -6.65 -34.13
C THR B 240 -9.09 -7.21 -34.71
N THR B 241 -8.03 -7.21 -33.91
CA THR B 241 -6.82 -7.91 -34.29
C THR B 241 -6.64 -9.04 -33.31
N MET B 242 -6.24 -10.19 -33.81
CA MET B 242 -5.95 -11.32 -32.95
C MET B 242 -4.82 -12.20 -33.48
N PRO B 243 -4.17 -12.95 -32.56
CA PRO B 243 -3.20 -13.94 -33.00
C PRO B 243 -3.87 -14.89 -33.99
N ARG B 244 -3.14 -15.28 -35.03
CA ARG B 244 -3.70 -16.18 -36.04
C ARG B 244 -4.22 -17.47 -35.37
N THR B 245 -3.50 -17.95 -34.35
CA THR B 245 -3.96 -19.10 -33.52
C THR B 245 -5.39 -18.97 -33.03
N LEU B 246 -5.70 -17.84 -32.40
CA LEU B 246 -7.03 -17.56 -31.86
C LEU B 246 -8.07 -17.52 -32.98
N TYR B 247 -7.73 -16.91 -34.11
CA TYR B 247 -8.64 -16.90 -35.26
C TYR B 247 -8.93 -18.32 -35.72
N GLU B 248 -7.89 -19.13 -35.82
CA GLU B 248 -8.06 -20.54 -36.24
C GLU B 248 -8.60 -21.45 -35.12
N ARG B 249 -8.61 -20.97 -33.88
CA ARG B 249 -9.06 -21.80 -32.76
C ARG B 249 -10.00 -21.06 -31.82
N ASN B 250 -11.25 -20.95 -32.23
CA ASN B 250 -12.28 -20.46 -31.34
C ASN B 250 -13.59 -21.07 -31.75
N ALA B 251 -14.62 -20.83 -30.95
CA ALA B 251 -15.92 -21.46 -31.10
C ALA B 251 -16.80 -20.75 -32.11
N PHE B 252 -16.33 -19.64 -32.66
CA PHE B 252 -17.12 -18.83 -33.58
C PHE B 252 -16.52 -18.79 -35.00
N LYS B 253 -15.56 -19.67 -35.25
CA LYS B 253 -14.82 -19.71 -36.52
C LYS B 253 -15.71 -19.57 -37.76
N ASP B 254 -16.80 -20.32 -37.79
CA ASP B 254 -17.69 -20.31 -38.96
C ASP B 254 -18.46 -19.02 -39.11
N GLN B 255 -18.51 -18.21 -38.06
CA GLN B 255 -19.19 -16.92 -38.13
C GLN B 255 -18.20 -15.77 -38.30
N LEU B 256 -16.92 -16.11 -38.43
CA LEU B 256 -15.85 -15.11 -38.59
C LEU B 256 -15.17 -15.16 -39.95
N CYS B 257 -14.45 -14.09 -40.30
CA CYS B 257 -13.48 -14.12 -41.40
C CYS B 257 -12.23 -13.34 -40.99
N SER B 258 -11.12 -13.53 -41.70
CA SER B 258 -10.00 -12.60 -41.57
C SER B 258 -9.94 -11.73 -42.83
N ILE B 259 -9.71 -10.44 -42.63
CA ILE B 259 -9.64 -9.48 -43.72
C ILE B 259 -8.37 -9.76 -44.54
N PRO B 260 -8.52 -9.92 -45.87
CA PRO B 260 -7.34 -10.30 -46.69
C PRO B 260 -6.38 -9.13 -46.98
N LEU B 261 -5.86 -8.53 -45.93
CA LEU B 261 -4.98 -7.37 -46.06
C LEU B 261 -3.70 -7.66 -46.82
N GLN B 262 -3.29 -6.69 -47.63
CA GLN B 262 -1.99 -6.75 -48.27
C GLN B 262 -1.08 -5.67 -47.70
N ASP B 263 -1.57 -4.92 -46.71
CA ASP B 263 -0.69 -4.06 -45.93
C ASP B 263 -0.13 -4.90 -44.80
N ALA B 264 1.12 -4.66 -44.42
CA ALA B 264 1.82 -5.52 -43.47
C ALA B 264 1.47 -5.20 -42.02
N LEU B 265 1.40 -6.25 -41.21
CA LEU B 265 1.14 -6.11 -39.81
C LEU B 265 2.32 -6.70 -39.04
N PRO B 266 2.48 -6.30 -37.76
CA PRO B 266 3.58 -6.86 -36.96
C PRO B 266 3.47 -8.37 -36.73
N ASN B 267 4.62 -8.98 -36.46
CA ASN B 267 4.71 -10.36 -36.02
C ASN B 267 5.34 -10.36 -34.62
N PRO B 268 4.52 -10.27 -33.57
CA PRO B 268 5.07 -10.17 -32.19
C PRO B 268 5.90 -11.41 -31.81
N THR B 269 7.00 -11.18 -31.11
CA THR B 269 7.75 -12.30 -30.55
C THR B 269 7.16 -12.69 -29.21
N ILE B 270 6.91 -13.98 -29.03
CA ILE B 270 6.48 -14.55 -27.73
C ILE B 270 7.73 -15.05 -27.00
N TYR B 271 7.93 -14.63 -25.75
CA TYR B 271 9.11 -15.00 -24.96
C TYR B 271 8.77 -15.87 -23.76
N VAL B 272 9.76 -16.61 -23.28
CA VAL B 272 9.73 -17.12 -21.92
C VAL B 272 10.39 -16.05 -21.05
N LEU B 273 9.63 -15.50 -20.12
CA LEU B 273 10.15 -14.44 -19.26
C LEU B 273 10.30 -14.98 -17.85
N ARG B 274 11.42 -14.67 -17.21
CA ARG B 274 11.71 -15.04 -15.83
C ARG B 274 12.42 -13.89 -15.14
N ARG B 275 12.37 -13.84 -13.82
CA ARG B 275 13.25 -12.99 -13.05
C ARG B 275 14.63 -13.64 -13.14
N HIS B 276 15.62 -12.90 -13.63
CA HIS B 276 16.89 -13.49 -14.05
C HIS B 276 17.74 -14.08 -12.91
N ASP B 277 17.72 -13.43 -11.75
CA ASP B 277 18.56 -13.86 -10.63
C ASP B 277 18.03 -15.04 -9.84
N LEU B 278 16.82 -15.52 -10.17
CA LEU B 278 16.26 -16.70 -9.52
C LEU B 278 16.71 -17.97 -10.28
N PRO B 279 17.31 -18.92 -9.56
CA PRO B 279 17.75 -20.18 -10.20
C PRO B 279 16.54 -21.05 -10.56
N VAL B 280 16.43 -21.44 -11.82
CA VAL B 280 15.31 -22.27 -12.28
C VAL B 280 15.39 -23.64 -11.65
N THR B 281 14.26 -24.16 -11.18
CA THR B 281 14.24 -25.50 -10.63
C THR B 281 14.40 -26.51 -11.78
N PRO B 282 14.96 -27.69 -11.48
CA PRO B 282 15.02 -28.78 -12.46
C PRO B 282 13.64 -29.10 -13.08
N ALA B 283 12.60 -29.14 -12.27
CA ALA B 283 11.25 -29.40 -12.81
C ALA B 283 10.77 -28.29 -13.75
N ALA B 284 10.90 -27.03 -13.33
CA ALA B 284 10.49 -25.92 -14.21
C ALA B 284 11.33 -25.90 -15.48
N ALA B 285 12.64 -26.17 -15.38
CA ALA B 285 13.49 -26.29 -16.57
C ALA B 285 12.96 -27.35 -17.54
N GLY B 286 12.54 -28.48 -16.98
CA GLY B 286 11.89 -29.56 -17.77
C GLY B 286 10.64 -29.12 -18.53
N LEU B 287 9.78 -28.35 -17.85
CA LEU B 287 8.55 -27.86 -18.48
C LEU B 287 8.89 -26.85 -19.58
N ILE B 288 9.80 -25.92 -19.28
CA ILE B 288 10.23 -24.94 -20.31
C ILE B 288 10.75 -25.68 -21.55
N ARG B 289 11.56 -26.70 -21.31
CA ARG B 289 12.07 -27.52 -22.43
C ARG B 289 10.92 -28.11 -23.29
N TRP B 290 9.90 -28.67 -22.63
CA TRP B 290 8.77 -29.22 -23.40
C TRP B 290 7.98 -28.16 -24.15
N ILE B 291 7.83 -26.98 -23.53
CA ILE B 291 7.21 -25.83 -24.16
C ILE B 291 8.01 -25.38 -25.41
N GLN B 292 9.33 -25.28 -25.27
CA GLN B 292 10.16 -24.89 -26.39
C GLN B 292 10.06 -25.90 -27.54
N HIS B 293 10.03 -27.19 -27.18
CA HIS B 293 9.92 -28.24 -28.16
C HIS B 293 8.64 -28.14 -28.97
N HIS B 294 7.49 -28.01 -28.29
CA HIS B 294 6.21 -28.00 -28.99
C HIS B 294 5.93 -26.69 -29.73
N ALA B 295 6.48 -25.58 -29.26
CA ALA B 295 6.38 -24.30 -29.94
C ALA B 295 7.17 -24.31 -31.26
N LEU B 296 8.31 -24.98 -31.23
CA LEU B 296 9.14 -25.21 -32.39
C LEU B 296 8.48 -26.28 -33.27
S TSU C . 43.15 -36.37 4.06
O1 TSU C . 43.38 -35.63 2.81
O2 TSU C . 43.35 -37.82 3.81
O3 TSU C . 44.14 -35.96 5.07
C1 TSU C . 41.67 -36.06 4.66
C2 TSU C . 40.55 -35.94 3.83
C3 TSU C . 39.30 -35.68 4.38
C4 TSU C . 39.14 -35.52 5.77
C5 TSU C . 40.26 -35.63 6.60
C6 TSU C . 41.51 -35.91 6.04
C7 TSU C . 37.80 -35.23 6.36
S TSU D . 48.10 -30.37 7.26
O1 TSU D . 48.04 -31.78 6.81
O2 TSU D . 49.53 -29.98 7.32
O3 TSU D . 47.41 -29.48 6.30
C1 TSU D . 47.39 -30.24 8.69
C2 TSU D . 48.00 -29.53 9.71
C3 TSU D . 47.39 -29.41 10.95
C4 TSU D . 46.15 -30.00 11.19
C5 TSU D . 45.52 -30.74 10.17
C6 TSU D . 46.15 -30.86 8.93
C7 TSU D . 45.52 -29.86 12.56
S TSU E . 33.81 -27.83 11.04
O1 TSU E . 33.62 -27.16 9.76
O2 TSU E . 33.65 -26.88 12.14
O3 TSU E . 32.83 -28.93 11.22
C1 TSU E . 35.28 -28.49 11.12
C2 TSU E . 36.15 -28.35 10.05
C3 TSU E . 37.43 -28.92 10.10
C4 TSU E . 37.82 -29.62 11.23
C5 TSU E . 36.95 -29.77 12.32
C6 TSU E . 35.67 -29.20 12.26
C7 TSU E . 39.21 -30.22 11.27
S TSU F . -11.08 25.38 24.01
O1 TSU F . -10.87 24.12 23.27
O2 TSU F . -10.99 25.13 25.46
O3 TSU F . -10.05 26.36 23.59
C1 TSU F . -12.50 25.99 23.67
C2 TSU F . -13.54 25.88 24.58
C3 TSU F . -14.79 26.42 24.28
C4 TSU F . -14.97 27.07 23.05
C5 TSU F . -13.93 27.19 22.15
C6 TSU F . -12.69 26.64 22.46
C7 TSU F . -16.31 27.66 22.72
S TSU G . -8.61 26.89 32.46
O1 TSU G . -9.49 26.05 33.29
O2 TSU G . -8.42 28.26 33.00
O3 TSU G . -7.29 26.21 32.32
C1 TSU G . -9.24 26.99 31.03
C2 TSU G . -10.35 26.26 30.86
C3 TSU G . -10.98 26.27 29.64
C4 TSU G . -10.52 27.00 28.58
C5 TSU G . -9.39 27.76 28.76
C6 TSU G . -8.75 27.75 29.98
C7 TSU G . -11.33 26.89 27.31
S TSU H . -19.32 19.33 27.96
O1 TSU H . -17.99 18.74 28.18
O2 TSU H . -20.17 18.33 27.26
O3 TSU H . -19.92 19.66 29.27
C1 TSU H . -19.22 20.60 27.00
C2 TSU H . -18.37 20.54 25.90
C3 TSU H . -18.28 21.63 25.05
C4 TSU H . -19.03 22.77 25.29
C5 TSU H . -19.88 22.84 26.38
C6 TSU H . -19.98 21.74 27.24
C7 TSU H . -18.90 23.94 24.34
N1 IMD I . -7.07 26.70 17.61
C2 IMD I . -6.34 27.73 18.10
N3 IMD I . -6.63 28.85 17.38
C4 IMD I . -7.55 28.52 16.43
C5 IMD I . -7.82 27.17 16.58
C1 GOL J . -18.47 30.94 22.87
O1 GOL J . -17.32 30.76 22.07
C2 GOL J . -19.62 31.52 22.03
O2 GOL J . -20.30 30.47 21.44
C3 GOL J . -20.55 32.48 22.77
O3 GOL J . -20.39 33.79 22.21
C1 GOL K . -2.34 38.23 20.00
O1 GOL K . -0.97 38.02 20.33
C2 GOL K . -3.22 38.17 21.24
O2 GOL K . -2.40 37.99 22.38
C3 GOL K . -3.96 39.50 21.33
O3 GOL K . -5.30 39.34 21.74
C1 GOL L . -33.87 41.90 34.84
O1 GOL L . -32.73 42.32 34.12
C2 GOL L . -33.53 40.68 35.70
O2 GOL L . -34.71 39.99 36.02
C3 GOL L . -32.80 41.07 36.98
O3 GOL L . -32.14 39.95 37.52
CL CL M . 20.73 -35.94 4.96
S TSU N . -0.07 -13.58 -27.80
O1 TSU N . -1.26 -14.32 -27.33
O2 TSU N . 0.90 -13.40 -26.69
O3 TSU N . 0.53 -14.33 -28.93
C1 TSU N . -0.53 -12.14 -28.34
C2 TSU N . -1.48 -11.39 -27.65
C3 TSU N . -1.88 -10.13 -28.13
C4 TSU N . -1.29 -9.63 -29.30
C5 TSU N . -0.35 -10.38 -30.00
C6 TSU N . 0.04 -11.62 -29.51
C7 TSU N . -1.70 -8.28 -29.84
S TSU O . 0.70 -18.08 -34.95
O1 TSU O . 1.76 -18.06 -35.97
O2 TSU O . 0.44 -16.73 -34.44
O3 TSU O . -0.52 -18.64 -35.57
C1 TSU O . 1.13 -19.03 -33.72
C2 TSU O . 1.25 -18.49 -32.44
C3 TSU O . 1.62 -19.29 -31.37
C4 TSU O . 1.86 -20.65 -31.56
C5 TSU O . 1.74 -21.20 -32.83
C6 TSU O . 1.37 -20.38 -33.90
C7 TSU O . 2.27 -21.51 -30.38
S TSU P . 5.79 -37.68 -25.57
O1 TSU P . 5.00 -38.95 -25.65
O2 TSU P . 6.39 -37.38 -26.89
O3 TSU P . 4.88 -36.60 -25.16
C1 TSU P . 6.98 -37.83 -24.51
C2 TSU P . 8.28 -38.15 -24.95
C3 TSU P . 9.32 -38.28 -24.03
C4 TSU P . 9.07 -38.08 -22.67
C5 TSU P . 7.77 -37.75 -22.23
C6 TSU P . 6.73 -37.63 -23.15
C7 TSU P . 10.19 -38.20 -21.67
S TSU Q . -21.21 -2.42 -33.12
O1 TSU Q . -19.98 -2.19 -33.90
O2 TSU Q . -22.21 -1.41 -33.54
O3 TSU Q . -21.77 -3.76 -33.43
C1 TSU Q . -20.99 -2.26 -31.56
C2 TSU Q . -20.47 -1.07 -31.06
C3 TSU Q . -20.29 -0.91 -29.70
C4 TSU Q . -20.63 -1.93 -28.82
C5 TSU Q . -21.16 -3.12 -29.31
C6 TSU Q . -21.34 -3.28 -30.68
C7 TSU Q . -20.43 -1.74 -27.35
S TSU R . 11.26 0.28 -29.66
O1 TSU R . 10.80 -1.12 -29.64
O2 TSU R . 12.42 0.40 -30.58
O3 TSU R . 10.18 1.18 -30.11
C1 TSU R . 11.75 0.69 -28.19
C2 TSU R . 10.97 1.55 -27.43
C3 TSU R . 11.39 1.90 -26.16
C4 TSU R . 12.57 1.39 -25.65
C5 TSU R . 13.35 0.52 -26.41
C6 TSU R . 12.93 0.18 -27.68
C7 TSU R . 13.02 1.78 -24.26
C1 GOL S . 13.12 -37.56 -15.95
O1 GOL S . 13.99 -36.56 -15.48
C2 GOL S . 12.43 -38.30 -14.79
O2 GOL S . 13.38 -39.05 -14.07
C3 GOL S . 11.72 -37.34 -13.84
O3 GOL S . 10.58 -37.95 -13.28
C FMT T . 12.24 -19.68 11.19
O1 FMT T . 11.10 -20.15 11.13
O2 FMT T . 12.91 -19.61 12.23
CL CL U . 15.69 -30.01 -19.01
CL CL V . 1.79 -4.32 -28.09
#